data_4BVN
#
_entry.id   4BVN
#
_cell.length_a   53.093
_cell.length_b   62.127
_cell.length_c   95.776
_cell.angle_alpha   90.00
_cell.angle_beta   90.00
_cell.angle_gamma   90.00
#
_symmetry.space_group_name_H-M   'P 21 2 21'
#
loop_
_entity.id
_entity.type
_entity.pdbx_description
1 polymer 'BETA-1 ADRENERGIC RECEPTOR'
2 non-polymer 'SODIUM ION'
3 non-polymer Cyanopindolol
4 non-polymer '(CARBAMOYLMETHYL-CARBOXYMETHYL-AMINO)-ACETIC ACID'
5 non-polymer '(2R)-2,3-dihydroxypropyl (9Z)-octadec-9-enoate'
6 water water
#
_entity_poly.entity_id   1
_entity_poly.type   'polypeptide(L)'
_entity_poly.pdbx_seq_one_letter_code
;MGAELLSQQWEAGMSLLMALVVLLIVAGNVLVIAAIGSTQRLQTLTNLFITSLACADLVVGLLVVPFGATLVVRGTWLWG
SFLCELWTSLDVLCVTASVETLCVIAIDRYLAITSPFRYQSLMTRARAKVIICTVWAISALVSFLPIMMHWWRDEDPQAL
KCYQDPGCCDFVTNRAYAIASSIISFYIPLLIMIFVALRVYREAKEQIRKIDRASKRKTSRVMLMREHKALKTLGIIMGV
FTLCWLPFFLVNIVNVFNRDLVPKWLFVAFNWLGYANSAMNPIILCRSPDFRKAFKRLLAFPRKADRRLHHHHHH
;
_entity_poly.pdbx_strand_id   A
#
loop_
_chem_comp.id
_chem_comp.type
_chem_comp.name
_chem_comp.formula
MHA non-polymer '(CARBAMOYLMETHYL-CARBOXYMETHYL-AMINO)-ACETIC ACID' 'C6 H10 N2 O5'
NA non-polymer 'SODIUM ION' 'Na 1'
OLC non-polymer '(2R)-2,3-dihydroxypropyl (9Z)-octadec-9-enoate' 'C21 H40 O4'
P32 non-polymer Cyanopindolol 'C16 H21 N3 O2'
#
# COMPACT_ATOMS: atom_id res chain seq x y z
N LEU A 6 35.91 -1.32 2.45
CA LEU A 6 34.93 -2.22 1.77
C LEU A 6 33.52 -2.13 2.36
N SER A 7 33.42 -1.88 3.67
CA SER A 7 32.13 -1.56 4.29
C SER A 7 31.68 -0.17 3.85
N GLN A 8 32.64 0.69 3.51
CA GLN A 8 32.36 2.03 2.99
C GLN A 8 31.79 1.99 1.57
N GLN A 9 32.25 1.05 0.76
CA GLN A 9 31.75 0.92 -0.61
C GLN A 9 30.37 0.25 -0.67
N TRP A 10 30.05 -0.54 0.36
CA TRP A 10 28.70 -1.04 0.55
C TRP A 10 27.78 0.05 1.13
N GLU A 11 28.29 0.82 2.09
CA GLU A 11 27.58 2.00 2.61
C GLU A 11 27.32 3.11 1.56
N ALA A 12 28.22 3.25 0.60
CA ALA A 12 28.06 4.21 -0.50
C ALA A 12 27.22 3.58 -1.61
N GLY A 13 27.47 2.30 -1.85
CA GLY A 13 26.76 1.52 -2.86
C GLY A 13 25.28 1.54 -2.57
N MET A 14 24.92 1.19 -1.35
CA MET A 14 23.52 1.20 -0.88
C MET A 14 22.91 2.60 -0.76
N SER A 15 23.70 3.60 -0.33
CA SER A 15 23.17 4.96 -0.20
C SER A 15 22.65 5.44 -1.53
N LEU A 16 23.42 5.29 -2.60
CA LEU A 16 22.99 5.76 -3.92
C LEU A 16 21.75 5.00 -4.43
N LEU A 17 21.76 3.68 -4.29
CA LEU A 17 20.59 2.88 -4.66
C LEU A 17 19.31 3.36 -3.87
N MET A 18 19.43 3.59 -2.56
CA MET A 18 18.28 4.05 -1.73
C MET A 18 17.74 5.41 -2.16
N ALA A 19 18.66 6.32 -2.52
CA ALA A 19 18.29 7.63 -3.01
C ALA A 19 17.48 7.55 -4.31
N LEU A 20 17.81 6.60 -5.19
CA LEU A 20 17.07 6.39 -6.43
C LEU A 20 15.70 5.74 -6.21
N VAL A 21 15.63 4.81 -5.27
CA VAL A 21 14.33 4.26 -4.84
C VAL A 21 13.41 5.37 -4.32
N VAL A 22 13.92 6.23 -3.46
CA VAL A 22 13.13 7.35 -2.93
C VAL A 22 12.65 8.27 -4.08
N LEU A 23 13.58 8.62 -4.98
CA LEU A 23 13.25 9.45 -6.14
C LEU A 23 12.12 8.86 -6.97
N LEU A 24 12.25 7.58 -7.33
CA LEU A 24 11.27 6.91 -8.14
C LEU A 24 9.89 6.84 -7.46
N ILE A 25 9.87 6.47 -6.18
CA ILE A 25 8.62 6.40 -5.44
C ILE A 25 8.01 7.81 -5.39
N VAL A 26 8.81 8.80 -4.99
CA VAL A 26 8.25 10.12 -4.69
C VAL A 26 7.81 10.82 -5.98
N ALA A 27 8.66 10.78 -7.00
CA ALA A 27 8.34 11.41 -8.29
C ALA A 27 7.20 10.68 -8.99
N GLY A 28 7.17 9.33 -8.97
CA GLY A 28 6.09 8.65 -9.63
C GLY A 28 4.73 8.97 -9.08
N ASN A 29 4.65 9.02 -7.76
CA ASN A 29 3.39 9.22 -7.07
C ASN A 29 2.94 10.67 -7.08
N VAL A 30 3.89 11.61 -7.03
CA VAL A 30 3.56 12.99 -7.35
C VAL A 30 3.04 13.07 -8.81
N LEU A 31 3.66 12.39 -9.76
CA LEU A 31 3.18 12.46 -11.15
C LEU A 31 1.73 11.93 -11.35
N VAL A 32 1.41 10.83 -10.68
CA VAL A 32 0.04 10.27 -10.68
C VAL A 32 -0.99 11.31 -10.15
N ILE A 33 -0.69 11.88 -8.99
CA ILE A 33 -1.53 12.89 -8.39
C ILE A 33 -1.68 14.15 -9.29
N ALA A 34 -0.60 14.56 -9.94
CA ALA A 34 -0.61 15.73 -10.83
C ALA A 34 -1.33 15.39 -12.12
N ALA A 35 -1.28 14.14 -12.61
CA ALA A 35 -2.08 13.73 -13.77
C ALA A 35 -3.57 13.84 -13.48
N ILE A 36 -3.97 13.25 -12.38
CA ILE A 36 -5.36 13.24 -12.03
C ILE A 36 -5.89 14.69 -11.79
N GLY A 37 -5.06 15.52 -11.18
CA GLY A 37 -5.46 16.88 -10.82
C GLY A 37 -5.42 17.91 -11.95
N SER A 38 -4.86 17.54 -13.10
CA SER A 38 -4.70 18.45 -14.23
C SER A 38 -5.46 18.02 -15.49
N THR A 39 -6.28 16.97 -15.42
CA THR A 39 -6.81 16.29 -16.61
C THR A 39 -8.27 15.91 -16.39
N GLN A 40 -9.12 16.56 -17.17
CA GLN A 40 -10.56 16.36 -17.11
C GLN A 40 -10.95 14.88 -17.23
N ARG A 41 -10.35 14.19 -18.18
CA ARG A 41 -10.62 12.76 -18.42
C ARG A 41 -10.29 11.81 -17.22
N LEU A 42 -9.44 12.26 -16.27
CA LEU A 42 -9.04 11.47 -15.07
C LEU A 42 -9.79 11.90 -13.79
N GLN A 43 -10.79 12.76 -13.94
CA GLN A 43 -11.62 13.21 -12.84
C GLN A 43 -12.79 12.24 -12.66
N THR A 44 -12.47 10.99 -12.37
CA THR A 44 -13.43 9.92 -12.15
C THR A 44 -13.37 9.58 -10.66
N LEU A 45 -14.38 8.91 -10.15
CA LEU A 45 -14.43 8.57 -8.73
C LEU A 45 -13.29 7.62 -8.34
N THR A 46 -13.13 6.55 -9.12
CA THR A 46 -12.07 5.58 -8.94
C THR A 46 -10.72 6.25 -8.75
N ASN A 47 -10.43 7.27 -9.56
CA ASN A 47 -9.15 7.94 -9.48
C ASN A 47 -8.96 8.78 -8.23
N LEU A 48 -10.07 9.22 -7.66
CA LEU A 48 -10.05 9.77 -6.32
C LEU A 48 -9.55 8.71 -5.36
N PHE A 49 -10.02 7.47 -5.51
CA PHE A 49 -9.53 6.38 -4.64
C PHE A 49 -8.05 6.02 -4.95
N ILE A 50 -7.67 6.07 -6.22
CA ILE A 50 -6.28 5.96 -6.57
C ILE A 50 -5.40 7.00 -5.88
N THR A 51 -5.93 8.24 -5.70
CA THR A 51 -5.23 9.30 -5.00
C THR A 51 -4.82 8.88 -3.58
N SER A 52 -5.70 8.14 -2.89
CA SER A 52 -5.46 7.61 -1.54
C SER A 52 -4.26 6.68 -1.56
N LEU A 53 -4.20 5.80 -2.53
CA LEU A 53 -3.05 4.93 -2.70
C LEU A 53 -1.74 5.62 -2.92
N ALA A 54 -1.80 6.60 -3.82
CA ALA A 54 -0.64 7.34 -4.16
C ALA A 54 -0.13 8.14 -2.97
N CYS A 55 -1.03 8.61 -2.11
CA CYS A 55 -0.70 9.24 -0.84
C CYS A 55 0.00 8.32 0.17
N ALA A 56 -0.54 7.12 0.34
CA ALA A 56 0.13 6.13 1.20
C ALA A 56 1.51 5.84 0.60
N ASP A 57 1.63 5.79 -0.73
CA ASP A 57 2.93 5.48 -1.32
C ASP A 57 3.90 6.63 -1.08
N LEU A 58 3.36 7.83 -1.14
CA LEU A 58 4.13 9.05 -0.94
C LEU A 58 4.68 9.15 0.49
N VAL A 59 3.88 8.73 1.47
CA VAL A 59 4.38 8.70 2.86
C VAL A 59 5.46 7.64 3.01
N VAL A 60 5.33 6.55 2.26
CA VAL A 60 6.36 5.55 2.22
C VAL A 60 7.72 6.12 1.65
N GLY A 61 7.65 6.83 0.55
CA GLY A 61 8.80 7.37 -0.11
C GLY A 61 9.48 8.46 0.73
N LEU A 62 8.71 9.28 1.46
CA LEU A 62 9.26 10.46 2.17
C LEU A 62 9.71 10.17 3.60
N LEU A 63 8.97 9.33 4.30
CA LEU A 63 9.19 9.13 5.70
C LEU A 63 9.73 7.72 5.99
N VAL A 64 9.05 6.69 5.51
CA VAL A 64 9.40 5.33 5.87
C VAL A 64 10.73 4.86 5.24
N VAL A 65 10.86 4.98 3.92
CA VAL A 65 12.09 4.51 3.28
C VAL A 65 13.38 5.23 3.73
N PRO A 66 13.35 6.56 3.93
CA PRO A 66 14.60 7.20 4.33
C PRO A 66 15.13 6.81 5.69
N PHE A 67 14.28 6.75 6.70
CA PHE A 67 14.62 6.11 8.00
C PHE A 67 15.07 4.66 7.87
N GLY A 68 14.35 3.88 7.09
CA GLY A 68 14.67 2.49 6.88
C GLY A 68 16.03 2.27 6.24
N ALA A 69 16.34 3.03 5.18
CA ALA A 69 17.63 2.96 4.49
C ALA A 69 18.78 3.14 5.47
N THR A 70 18.66 4.14 6.37
CA THR A 70 19.70 4.39 7.40
C THR A 70 19.90 3.21 8.35
N LEU A 71 18.82 2.53 8.67
CA LEU A 71 18.91 1.28 9.44
C LEU A 71 19.68 0.25 8.64
N VAL A 72 19.28 0.12 7.36
CA VAL A 72 19.83 -0.92 6.46
C VAL A 72 21.35 -0.73 6.29
N VAL A 73 21.81 0.49 6.01
CA VAL A 73 23.22 0.72 5.64
C VAL A 73 24.12 0.88 6.87
N ARG A 74 23.67 1.60 7.89
CA ARG A 74 24.43 1.66 9.16
C ARG A 74 24.26 0.40 10.05
N GLY A 75 23.19 -0.37 9.90
CA GLY A 75 22.97 -1.53 10.76
C GLY A 75 22.65 -1.21 12.22
N THR A 76 22.22 0.02 12.52
CA THR A 76 21.70 0.38 13.86
C THR A 76 20.70 1.56 13.70
N TRP A 77 19.82 1.79 14.66
CA TRP A 77 18.84 2.87 14.58
C TRP A 77 19.42 4.17 15.20
N LEU A 78 19.42 5.24 14.39
CA LEU A 78 20.10 6.49 14.77
C LEU A 78 19.24 7.55 15.45
N TRP A 79 17.93 7.35 15.44
CA TRP A 79 16.98 8.45 15.57
C TRP A 79 16.20 8.47 16.91
N GLY A 80 16.61 7.59 17.83
CA GLY A 80 16.10 7.50 19.17
C GLY A 80 14.80 6.74 19.28
N SER A 81 14.34 6.53 20.52
CA SER A 81 13.26 5.60 20.79
C SER A 81 11.89 6.11 20.33
N PHE A 82 11.64 7.41 20.42
CA PHE A 82 10.35 7.97 20.02
C PHE A 82 10.12 7.92 18.51
N LEU A 83 11.12 8.29 17.75
CA LEU A 83 11.05 8.25 16.29
C LEU A 83 11.00 6.79 15.81
N CYS A 84 11.64 5.89 16.55
CA CYS A 84 11.48 4.45 16.25
C CYS A 84 10.01 4.05 16.28
N GLU A 85 9.27 4.49 17.30
CA GLU A 85 7.87 4.15 17.43
C GLU A 85 6.95 4.85 16.43
N LEU A 86 7.23 6.13 16.19
CA LEU A 86 6.53 6.89 15.20
C LEU A 86 6.73 6.32 13.79
N TRP A 87 7.97 6.01 13.44
CA TRP A 87 8.29 5.36 12.16
C TRP A 87 7.51 4.06 11.95
N THR A 88 7.57 3.17 12.94
CA THR A 88 6.84 1.93 12.92
C THR A 88 5.34 2.10 12.70
N SER A 89 4.75 3.04 13.44
CA SER A 89 3.33 3.37 13.38
C SER A 89 2.85 3.83 11.98
N LEU A 90 3.68 4.66 11.34
CA LEU A 90 3.44 5.22 10.02
C LEU A 90 3.65 4.20 8.94
N ASP A 91 4.62 3.30 9.16
CA ASP A 91 4.85 2.13 8.28
C ASP A 91 3.58 1.23 8.29
N VAL A 92 3.20 0.81 9.49
CA VAL A 92 1.99 0.04 9.68
C VAL A 92 0.72 0.72 9.10
N LEU A 93 0.57 2.02 9.34
CA LEU A 93 -0.57 2.83 8.83
C LEU A 93 -0.62 2.81 7.29
N CYS A 94 0.49 3.11 6.61
CA CYS A 94 0.51 3.12 5.12
C CYS A 94 0.13 1.78 4.49
N VAL A 95 0.56 0.67 5.09
CA VAL A 95 0.17 -0.63 4.53
C VAL A 95 -1.34 -0.89 4.70
N THR A 96 -1.83 -0.57 5.91
CA THR A 96 -3.23 -0.69 6.27
C THR A 96 -4.18 0.15 5.36
N ALA A 97 -3.90 1.45 5.24
CA ALA A 97 -4.67 2.34 4.42
C ALA A 97 -4.65 1.90 2.93
N SER A 98 -3.47 1.44 2.45
CA SER A 98 -3.38 0.88 1.07
C SER A 98 -4.34 -0.33 0.82
N VAL A 99 -4.31 -1.36 1.67
CA VAL A 99 -5.15 -2.53 1.46
C VAL A 99 -6.68 -2.22 1.72
N GLU A 100 -6.98 -1.34 2.65
CA GLU A 100 -8.37 -0.90 2.83
C GLU A 100 -8.89 -0.09 1.61
N THR A 101 -8.06 0.78 1.04
CA THR A 101 -8.44 1.54 -0.17
C THR A 101 -8.65 0.62 -1.37
N LEU A 102 -7.80 -0.41 -1.51
CA LEU A 102 -7.95 -1.37 -2.61
C LEU A 102 -9.27 -2.22 -2.45
N CYS A 103 -9.57 -2.61 -1.21
CA CYS A 103 -10.82 -3.31 -0.93
C CYS A 103 -12.08 -2.41 -1.19
N VAL A 104 -12.00 -1.13 -0.87
CA VAL A 104 -13.03 -0.16 -1.24
C VAL A 104 -13.19 0.03 -2.76
N ILE A 105 -12.06 0.08 -3.48
CA ILE A 105 -12.10 0.17 -4.95
C ILE A 105 -12.81 -1.04 -5.54
N ALA A 106 -12.49 -2.24 -5.04
CA ALA A 106 -13.15 -3.46 -5.52
C ALA A 106 -14.68 -3.44 -5.31
N ILE A 107 -15.11 -3.04 -4.11
CA ILE A 107 -16.55 -2.99 -3.79
C ILE A 107 -17.28 -1.94 -4.59
N ASP A 108 -16.66 -0.78 -4.71
CA ASP A 108 -17.19 0.35 -5.44
C ASP A 108 -17.50 -0.02 -6.90
N ARG A 109 -16.51 -0.63 -7.55
CA ARG A 109 -16.62 -1.10 -8.93
C ARG A 109 -17.64 -2.19 -9.08
N TYR A 110 -17.68 -3.12 -8.13
CA TYR A 110 -18.73 -4.17 -8.15
C TYR A 110 -20.16 -3.55 -8.15
N LEU A 111 -20.37 -2.53 -7.35
CA LEU A 111 -21.66 -1.83 -7.28
C LEU A 111 -21.89 -0.94 -8.52
N ALA A 112 -20.84 -0.34 -9.03
CA ALA A 112 -20.92 0.43 -10.27
C ALA A 112 -21.36 -0.42 -11.51
N ILE A 113 -20.78 -1.62 -11.67
CA ILE A 113 -21.15 -2.47 -12.81
C ILE A 113 -22.48 -3.23 -12.69
N THR A 114 -22.91 -3.53 -11.46
CA THR A 114 -24.15 -4.25 -11.21
C THR A 114 -25.35 -3.35 -10.97
N SER A 115 -25.11 -2.06 -10.75
CA SER A 115 -26.20 -1.09 -10.63
C SER A 115 -25.81 0.29 -11.10
N PRO A 116 -25.49 0.41 -12.39
CA PRO A 116 -24.93 1.68 -12.93
C PRO A 116 -25.82 2.91 -12.70
N PHE A 117 -27.13 2.70 -12.77
CA PHE A 117 -28.10 3.79 -12.62
C PHE A 117 -28.11 4.28 -11.17
N ARG A 118 -28.37 3.37 -10.25
CA ARG A 118 -28.38 3.74 -8.84
C ARG A 118 -27.05 4.40 -8.48
N TYR A 119 -25.94 3.77 -8.88
CA TYR A 119 -24.62 4.20 -8.46
C TYR A 119 -24.34 5.64 -8.91
N GLN A 120 -24.67 5.94 -10.15
CA GLN A 120 -24.33 7.22 -10.72
C GLN A 120 -25.27 8.32 -10.22
N SER A 121 -26.43 7.92 -9.71
CA SER A 121 -27.37 8.88 -9.13
C SER A 121 -27.14 9.13 -7.63
N LEU A 122 -26.24 8.38 -7.01
CA LEU A 122 -26.04 8.46 -5.55
C LEU A 122 -24.59 8.77 -5.10
N MET A 123 -23.58 8.41 -5.90
CA MET A 123 -22.18 8.67 -5.55
C MET A 123 -21.70 10.03 -6.04
N THR A 124 -20.96 10.75 -5.19
CA THR A 124 -20.35 12.01 -5.62
C THR A 124 -18.86 12.11 -5.23
N ARG A 125 -18.18 13.02 -5.92
CA ARG A 125 -16.79 13.36 -5.64
C ARG A 125 -16.56 13.61 -4.14
N ALA A 126 -17.50 14.28 -3.49
CA ALA A 126 -17.42 14.53 -2.06
C ALA A 126 -17.68 13.28 -1.22
N ARG A 127 -18.63 12.44 -1.63
CA ARG A 127 -18.91 11.21 -0.87
C ARG A 127 -17.76 10.17 -0.94
N ALA A 128 -17.01 10.22 -2.03
CA ALA A 128 -15.79 9.46 -2.17
C ALA A 128 -14.74 10.01 -1.18
N LYS A 129 -14.52 11.33 -1.18
CA LYS A 129 -13.57 11.98 -0.23
C LYS A 129 -13.88 11.63 1.23
N VAL A 130 -15.15 11.40 1.53
CA VAL A 130 -15.53 10.97 2.87
C VAL A 130 -15.18 9.53 3.19
N ILE A 131 -15.51 8.64 2.27
CA ILE A 131 -15.06 7.25 2.37
C ILE A 131 -13.53 7.16 2.64
N ILE A 132 -12.76 7.94 1.92
CA ILE A 132 -11.32 7.98 1.99
C ILE A 132 -10.86 8.42 3.36
N CYS A 133 -11.51 9.47 3.86
CA CYS A 133 -11.30 9.96 5.22
CA CYS A 133 -11.24 9.94 5.20
C CYS A 133 -11.52 8.85 6.24
N THR A 134 -12.67 8.18 6.14
CA THR A 134 -13.03 7.08 7.05
C THR A 134 -11.95 5.95 7.06
N VAL A 135 -11.55 5.52 5.86
CA VAL A 135 -10.45 4.60 5.67
C VAL A 135 -9.23 5.00 6.48
N TRP A 136 -8.76 6.23 6.29
CA TRP A 136 -7.55 6.66 7.02
C TRP A 136 -7.75 6.78 8.54
N ALA A 137 -8.97 7.16 8.95
CA ALA A 137 -9.32 7.17 10.37
C ALA A 137 -9.34 5.74 10.95
N ILE A 138 -9.91 4.78 10.23
CA ILE A 138 -9.94 3.36 10.69
C ILE A 138 -8.51 2.82 10.69
N SER A 139 -7.77 3.11 9.63
CA SER A 139 -6.39 2.64 9.54
C SER A 139 -5.56 3.16 10.70
N ALA A 140 -5.65 4.47 10.97
CA ALA A 140 -4.89 5.12 12.09
C ALA A 140 -5.26 4.54 13.45
N LEU A 141 -6.54 4.37 13.70
CA LEU A 141 -7.03 3.64 14.90
C LEU A 141 -6.41 2.27 15.08
N VAL A 142 -6.57 1.38 14.09
CA VAL A 142 -5.98 0.01 14.24
C VAL A 142 -4.44 -0.03 14.26
N SER A 143 -3.81 1.02 13.74
CA SER A 143 -2.37 1.10 13.61
C SER A 143 -1.77 1.79 14.82
N PHE A 144 -2.24 2.99 15.12
CA PHE A 144 -1.52 3.87 16.08
C PHE A 144 -1.78 3.40 17.51
N LEU A 145 -3.03 3.04 17.77
CA LEU A 145 -3.48 2.78 19.13
C LEU A 145 -2.72 1.61 19.76
N PRO A 146 -2.65 0.44 19.05
CA PRO A 146 -1.94 -0.69 19.68
C PRO A 146 -0.44 -0.42 19.94
N ILE A 147 0.18 0.32 19.03
CA ILE A 147 1.59 0.74 19.20
C ILE A 147 1.72 1.61 20.44
N MET A 148 0.93 2.69 20.48
CA MET A 148 0.87 3.62 21.62
C MET A 148 0.68 2.95 22.98
N MET A 149 -0.18 1.95 23.03
CA MET A 149 -0.52 1.26 24.28
C MET A 149 0.45 0.13 24.63
N HIS A 150 1.46 -0.08 23.82
CA HIS A 150 2.45 -1.11 24.01
C HIS A 150 1.83 -2.50 24.03
N TRP A 151 0.73 -2.71 23.32
CA TRP A 151 0.12 -4.05 23.28
C TRP A 151 0.95 -5.07 22.49
N TRP A 152 1.91 -4.54 21.76
CA TRP A 152 2.80 -5.30 20.93
C TRP A 152 4.02 -5.85 21.65
N ARG A 153 4.35 -5.36 22.84
CA ARG A 153 5.62 -5.78 23.46
C ARG A 153 5.67 -7.27 23.88
N ASP A 154 6.84 -7.90 23.67
CA ASP A 154 7.16 -9.26 24.01
C ASP A 154 8.04 -9.28 25.28
N GLU A 155 8.05 -10.38 26.00
CA GLU A 155 8.69 -10.45 27.31
C GLU A 155 10.03 -11.23 27.30
N ASP A 156 10.41 -11.82 26.18
CA ASP A 156 11.75 -12.45 26.04
C ASP A 156 12.87 -11.43 26.38
N PRO A 157 14.00 -11.90 26.96
CA PRO A 157 15.18 -11.03 27.18
C PRO A 157 15.70 -10.38 25.92
N GLN A 158 15.68 -11.09 24.79
CA GLN A 158 16.12 -10.50 23.53
C GLN A 158 15.24 -9.27 23.22
N ALA A 159 13.91 -9.46 23.35
CA ALA A 159 12.94 -8.39 23.14
C ALA A 159 13.19 -7.24 24.11
N LEU A 160 13.30 -7.56 25.39
CA LEU A 160 13.54 -6.56 26.43
C LEU A 160 14.83 -5.77 26.21
N LYS A 161 15.90 -6.45 25.81
CA LYS A 161 17.16 -5.79 25.44
C LYS A 161 16.97 -4.81 24.25
N CYS A 162 16.24 -5.24 23.21
CA CYS A 162 15.87 -4.30 22.12
C CYS A 162 15.13 -3.04 22.62
N TYR A 163 14.17 -3.23 23.50
CA TYR A 163 13.33 -2.12 23.98
C TYR A 163 14.08 -1.13 24.87
N GLN A 164 15.07 -1.60 25.61
CA GLN A 164 15.95 -0.76 26.42
C GLN A 164 17.00 -0.03 25.56
N ASP A 165 17.38 -0.61 24.43
CA ASP A 165 18.37 -0.03 23.53
C ASP A 165 17.74 0.93 22.47
N PRO A 166 17.94 2.26 22.64
CA PRO A 166 17.45 3.22 21.63
C PRO A 166 17.98 2.96 20.21
N GLY A 167 19.13 2.31 20.11
CA GLY A 167 19.76 1.88 18.85
C GLY A 167 19.22 0.63 18.18
N CYS A 168 18.30 -0.04 18.86
CA CYS A 168 17.56 -1.17 18.30
C CYS A 168 16.12 -0.76 17.97
N CYS A 169 15.75 -0.86 16.69
CA CYS A 169 14.35 -0.63 16.27
C CYS A 169 13.81 -1.86 15.49
N ASP A 170 14.08 -3.08 15.93
CA ASP A 170 13.42 -4.31 15.37
C ASP A 170 12.02 -4.38 15.96
N PHE A 171 11.00 -4.59 15.11
CA PHE A 171 9.62 -4.69 15.57
C PHE A 171 9.39 -6.11 16.15
N VAL A 172 10.02 -6.40 17.28
CA VAL A 172 9.90 -7.69 17.98
C VAL A 172 8.55 -7.66 18.73
N THR A 173 7.61 -8.51 18.36
CA THR A 173 6.27 -8.48 18.98
C THR A 173 5.87 -9.83 19.61
N ASN A 174 4.88 -9.83 20.49
CA ASN A 174 4.32 -11.09 21.04
C ASN A 174 3.38 -11.68 19.98
N ARG A 175 3.02 -12.93 20.14
CA ARG A 175 2.28 -13.68 19.17
C ARG A 175 0.89 -13.17 18.99
N ALA A 176 0.28 -12.81 20.10
CA ALA A 176 -1.08 -12.35 20.07
C ALA A 176 -1.24 -11.14 19.17
N TYR A 177 -0.42 -10.14 19.43
CA TYR A 177 -0.39 -8.91 18.63
C TYR A 177 -0.08 -9.22 17.17
N ALA A 178 0.91 -10.10 16.91
CA ALA A 178 1.30 -10.37 15.52
C ALA A 178 0.16 -10.94 14.71
N ILE A 179 -0.54 -11.89 15.28
CA ILE A 179 -1.66 -12.52 14.57
C ILE A 179 -2.82 -11.59 14.39
N ALA A 180 -3.21 -10.91 15.49
CA ALA A 180 -4.41 -10.07 15.48
C ALA A 180 -4.19 -8.83 14.60
N SER A 181 -3.05 -8.16 14.75
CA SER A 181 -2.82 -7.01 13.92
C SER A 181 -2.75 -7.40 12.43
N SER A 182 -2.10 -8.53 12.12
CA SER A 182 -2.05 -9.03 10.75
C SER A 182 -3.45 -9.36 10.16
N ILE A 183 -4.29 -10.04 10.93
CA ILE A 183 -5.66 -10.32 10.48
C ILE A 183 -6.38 -9.03 10.11
N ILE A 184 -6.34 -8.08 11.02
CA ILE A 184 -7.19 -6.90 10.97
C ILE A 184 -6.66 -5.87 10.00
N SER A 185 -5.35 -5.70 9.96
CA SER A 185 -4.74 -4.69 9.04
C SER A 185 -4.68 -5.19 7.59
N PHE A 186 -4.43 -6.48 7.38
CA PHE A 186 -4.05 -7.04 6.07
C PHE A 186 -4.91 -8.24 5.60
N TYR A 187 -4.93 -9.33 6.35
CA TYR A 187 -5.51 -10.56 5.79
C TYR A 187 -7.01 -10.46 5.47
N ILE A 188 -7.80 -9.80 6.31
CA ILE A 188 -9.28 -9.68 6.02
C ILE A 188 -9.63 -8.73 4.87
N PRO A 189 -9.03 -7.55 4.83
CA PRO A 189 -9.30 -6.70 3.67
C PRO A 189 -8.72 -7.30 2.37
N LEU A 190 -7.57 -7.98 2.44
CA LEU A 190 -7.01 -8.66 1.25
C LEU A 190 -7.96 -9.73 0.72
N LEU A 191 -8.45 -10.61 1.61
CA LEU A 191 -9.34 -11.68 1.23
C LEU A 191 -10.65 -11.15 0.61
N ILE A 192 -11.20 -10.11 1.21
CA ILE A 192 -12.35 -9.41 0.66
C ILE A 192 -12.06 -8.77 -0.70
N MET A 193 -10.94 -8.05 -0.83
CA MET A 193 -10.55 -7.43 -2.09
C MET A 193 -10.47 -8.46 -3.20
N ILE A 194 -9.84 -9.59 -2.91
CA ILE A 194 -9.66 -10.64 -3.89
C ILE A 194 -11.00 -11.30 -4.29
N PHE A 195 -11.83 -11.64 -3.30
CA PHE A 195 -13.13 -12.28 -3.57
C PHE A 195 -14.04 -11.42 -4.46
N VAL A 196 -14.17 -10.15 -4.08
CA VAL A 196 -14.94 -9.16 -4.78
C VAL A 196 -14.38 -8.82 -6.14
N ALA A 197 -13.06 -8.64 -6.26
CA ALA A 197 -12.40 -8.41 -7.55
C ALA A 197 -12.66 -9.55 -8.58
N LEU A 198 -12.66 -10.79 -8.12
CA LEU A 198 -12.89 -11.89 -8.97
C LEU A 198 -14.34 -11.91 -9.49
N ARG A 199 -15.27 -11.49 -8.65
CA ARG A 199 -16.66 -11.32 -9.08
C ARG A 199 -16.82 -10.15 -10.07
N VAL A 200 -16.07 -9.08 -9.89
CA VAL A 200 -16.09 -7.95 -10.86
C VAL A 200 -15.59 -8.42 -12.20
N TYR A 201 -14.52 -9.17 -12.16
CA TYR A 201 -13.97 -9.79 -13.35
C TYR A 201 -14.99 -10.70 -14.04
N ARG A 202 -15.63 -11.61 -13.29
CA ARG A 202 -16.73 -12.42 -13.83
C ARG A 202 -17.84 -11.58 -14.53
N GLU A 203 -18.39 -10.61 -13.81
CA GLU A 203 -19.51 -9.82 -14.33
C GLU A 203 -19.13 -8.99 -15.58
N ALA A 204 -17.92 -8.41 -15.61
CA ALA A 204 -17.46 -7.62 -16.76
C ALA A 204 -17.45 -8.51 -18.01
N LYS A 205 -16.83 -9.67 -17.86
CA LYS A 205 -16.77 -10.72 -18.84
C LYS A 205 -18.17 -11.09 -19.37
N GLU A 206 -19.13 -11.32 -18.48
CA GLU A 206 -20.50 -11.62 -18.89
C GLU A 206 -21.05 -10.46 -19.76
N GLN A 207 -20.82 -9.23 -19.32
CA GLN A 207 -21.40 -8.06 -19.97
C GLN A 207 -20.89 -7.83 -21.40
N ILE A 208 -19.59 -7.91 -21.65
CA ILE A 208 -19.10 -7.76 -23.03
C ILE A 208 -19.57 -8.88 -23.93
N ARG A 209 -19.82 -10.06 -23.38
CA ARG A 209 -20.24 -11.20 -24.17
C ARG A 209 -21.65 -10.99 -24.65
N LYS A 210 -22.50 -10.53 -23.75
CA LYS A 210 -23.88 -10.20 -24.07
C LYS A 210 -24.59 -11.51 -24.39
N ARG A 217 -26.49 -4.46 -20.57
CA ARG A 217 -26.34 -3.03 -20.76
C ARG A 217 -26.82 -2.57 -22.14
N LYS A 218 -27.51 -1.45 -22.17
CA LYS A 218 -27.74 -0.71 -23.44
C LYS A 218 -26.45 -0.15 -24.10
N THR A 219 -25.46 0.18 -23.30
CA THR A 219 -24.14 0.62 -23.81
C THR A 219 -23.63 -0.17 -25.04
N SER A 220 -23.01 0.52 -25.97
CA SER A 220 -22.30 -0.16 -27.05
C SER A 220 -21.15 -1.10 -26.56
N ARG A 221 -20.83 -2.13 -27.34
CA ARG A 221 -19.74 -3.05 -26.99
C ARG A 221 -18.35 -2.39 -27.00
N VAL A 222 -18.13 -1.38 -27.86
CA VAL A 222 -16.88 -0.62 -27.84
C VAL A 222 -16.77 0.21 -26.57
N MET A 223 -17.89 0.79 -26.11
CA MET A 223 -17.88 1.55 -24.87
C MET A 223 -17.53 0.61 -23.70
N LEU A 224 -18.09 -0.59 -23.70
CA LEU A 224 -17.83 -1.56 -22.62
C LEU A 224 -16.39 -2.04 -22.60
N MET A 225 -15.83 -2.22 -23.79
CA MET A 225 -14.44 -2.59 -23.90
C MET A 225 -13.55 -1.48 -23.29
N ARG A 226 -13.92 -0.22 -23.49
CA ARG A 226 -13.17 0.89 -22.88
C ARG A 226 -13.32 0.89 -21.34
N GLU A 227 -14.53 0.66 -20.84
CA GLU A 227 -14.74 0.47 -19.40
C GLU A 227 -13.86 -0.66 -18.88
N HIS A 228 -13.72 -1.72 -19.67
CA HIS A 228 -13.03 -2.91 -19.22
C HIS A 228 -11.49 -2.73 -19.18
N LYS A 229 -10.96 -1.89 -20.05
CA LYS A 229 -9.56 -1.52 -19.98
C LYS A 229 -9.21 -0.81 -18.65
N ALA A 230 -10.08 0.10 -18.20
CA ALA A 230 -9.81 0.82 -16.95
C ALA A 230 -9.96 -0.14 -15.76
N LEU A 231 -10.91 -1.07 -15.82
CA LEU A 231 -11.03 -2.13 -14.76
C LEU A 231 -9.78 -3.01 -14.69
N LYS A 232 -9.22 -3.30 -15.88
CA LYS A 232 -7.98 -4.09 -15.98
C LYS A 232 -6.81 -3.45 -15.22
N THR A 233 -6.62 -2.14 -15.40
CA THR A 233 -5.63 -1.41 -14.63
C THR A 233 -5.70 -1.64 -13.12
N LEU A 234 -6.92 -1.59 -12.61
CA LEU A 234 -7.14 -1.73 -11.18
C LEU A 234 -6.84 -3.13 -10.75
N GLY A 235 -7.24 -4.12 -11.56
CA GLY A 235 -6.92 -5.51 -11.27
C GLY A 235 -5.42 -5.81 -11.20
N ILE A 236 -4.66 -5.27 -12.15
CA ILE A 236 -3.19 -5.35 -12.13
C ILE A 236 -2.56 -4.81 -10.83
N ILE A 237 -2.99 -3.62 -10.40
CA ILE A 237 -2.56 -2.99 -9.16
C ILE A 237 -2.86 -3.85 -7.95
N MET A 238 -4.06 -4.46 -7.96
CA MET A 238 -4.41 -5.40 -6.93
C MET A 238 -3.55 -6.69 -6.92
N GLY A 239 -3.31 -7.29 -8.09
CA GLY A 239 -2.49 -8.49 -8.11
C GLY A 239 -1.06 -8.23 -7.71
N VAL A 240 -0.52 -7.07 -8.11
CA VAL A 240 0.87 -6.73 -7.79
C VAL A 240 1.03 -6.39 -6.30
N PHE A 241 0.01 -5.75 -5.72
CA PHE A 241 -0.01 -5.50 -4.31
C PHE A 241 0.01 -6.79 -3.51
N THR A 242 -0.81 -7.75 -3.93
CA THR A 242 -0.80 -9.10 -3.35
C THR A 242 0.56 -9.84 -3.37
N LEU A 243 1.17 -9.88 -4.56
CA LEU A 243 2.49 -10.46 -4.76
C LEU A 243 3.57 -9.76 -3.90
N CYS A 244 3.48 -8.44 -3.80
CA CYS A 244 4.50 -7.69 -3.07
C CYS A 244 4.37 -7.86 -1.55
N TRP A 245 3.15 -7.99 -1.03
CA TRP A 245 2.97 -7.99 0.45
C TRP A 245 2.73 -9.31 1.14
N LEU A 246 2.13 -10.26 0.42
CA LEU A 246 1.74 -11.55 1.01
C LEU A 246 2.95 -12.33 1.53
N PRO A 247 4.10 -12.34 0.80
CA PRO A 247 5.23 -13.02 1.42
C PRO A 247 5.62 -12.47 2.80
N PHE A 248 5.78 -11.15 2.93
CA PHE A 248 6.06 -10.54 4.23
C PHE A 248 5.07 -11.01 5.30
N PHE A 249 3.78 -10.92 4.98
CA PHE A 249 2.76 -11.29 6.00
C PHE A 249 2.74 -12.76 6.36
N LEU A 250 3.03 -13.63 5.40
CA LEU A 250 3.21 -15.06 5.70
C LEU A 250 4.42 -15.27 6.61
N VAL A 251 5.54 -14.68 6.24
CA VAL A 251 6.76 -14.75 7.03
C VAL A 251 6.69 -14.10 8.42
N ASN A 252 5.92 -13.04 8.55
CA ASN A 252 5.69 -12.42 9.82
C ASN A 252 5.14 -13.42 10.83
N ILE A 253 4.18 -14.23 10.39
CA ILE A 253 3.56 -15.24 11.23
C ILE A 253 4.46 -16.47 11.54
N VAL A 254 5.04 -17.07 10.51
CA VAL A 254 6.09 -18.09 10.72
C VAL A 254 7.12 -17.62 11.78
N ASN A 255 7.57 -16.37 11.68
CA ASN A 255 8.64 -15.90 12.52
C ASN A 255 8.26 -15.64 13.99
N VAL A 256 7.00 -15.30 14.27
CA VAL A 256 6.61 -15.14 15.68
C VAL A 256 6.50 -16.48 16.35
N PHE A 257 6.30 -17.52 15.56
CA PHE A 257 6.22 -18.89 16.07
C PHE A 257 7.59 -19.55 16.22
N ASN A 258 8.52 -19.22 15.32
CA ASN A 258 9.88 -19.73 15.42
C ASN A 258 10.81 -18.72 14.83
N ARG A 259 11.55 -18.02 15.69
CA ARG A 259 12.43 -16.98 15.18
C ARG A 259 13.54 -17.51 14.29
N ASP A 260 13.95 -18.78 14.49
CA ASP A 260 15.01 -19.39 13.68
C ASP A 260 14.60 -19.74 12.25
N LEU A 261 13.29 -19.82 11.96
CA LEU A 261 12.81 -20.14 10.63
C LEU A 261 13.08 -19.02 9.60
N VAL A 262 13.20 -17.78 10.08
CA VAL A 262 13.34 -16.59 9.21
C VAL A 262 14.50 -15.71 9.68
N PRO A 263 15.68 -15.88 9.08
CA PRO A 263 16.76 -15.00 9.51
C PRO A 263 16.43 -13.56 9.21
N LYS A 264 17.05 -12.68 9.99
CA LYS A 264 16.77 -11.25 9.96
C LYS A 264 16.92 -10.64 8.55
N TRP A 265 18.02 -10.94 7.88
CA TRP A 265 18.26 -10.33 6.57
C TRP A 265 17.20 -10.75 5.52
N LEU A 266 16.65 -11.93 5.71
CA LEU A 266 15.62 -12.44 4.83
C LEU A 266 14.27 -11.76 5.09
N PHE A 267 13.98 -11.62 6.38
CA PHE A 267 12.81 -10.87 6.87
C PHE A 267 12.84 -9.45 6.28
N VAL A 268 14.01 -8.84 6.37
CA VAL A 268 14.23 -7.53 5.80
C VAL A 268 14.01 -7.52 4.30
N ALA A 269 14.50 -8.54 3.60
CA ALA A 269 14.35 -8.56 2.16
C ALA A 269 12.87 -8.64 1.80
N PHE A 270 12.11 -9.44 2.55
CA PHE A 270 10.66 -9.57 2.29
C PHE A 270 9.92 -8.26 2.52
N ASN A 271 10.31 -7.55 3.57
CA ASN A 271 9.75 -6.22 3.90
C ASN A 271 10.05 -5.20 2.75
N TRP A 272 11.22 -5.31 2.13
CA TRP A 272 11.59 -4.41 1.02
C TRP A 272 10.86 -4.73 -0.26
N LEU A 273 10.57 -6.01 -0.52
CA LEU A 273 9.64 -6.32 -1.57
C LEU A 273 8.29 -5.59 -1.36
N GLY A 274 7.78 -5.51 -0.13
CA GLY A 274 6.57 -4.68 0.13
C GLY A 274 6.75 -3.17 -0.16
N TYR A 275 7.82 -2.59 0.35
CA TYR A 275 8.12 -1.18 0.07
C TYR A 275 8.22 -0.90 -1.47
N ALA A 276 8.78 -1.86 -2.23
CA ALA A 276 8.87 -1.76 -3.67
C ALA A 276 7.53 -1.59 -4.37
N ASN A 277 6.47 -2.10 -3.75
CA ASN A 277 5.13 -1.83 -4.27
C ASN A 277 4.79 -0.34 -4.52
N SER A 278 5.34 0.51 -3.70
CA SER A 278 5.09 1.92 -3.78
C SER A 278 5.76 2.55 -5.04
N ALA A 279 6.83 1.93 -5.57
CA ALA A 279 7.38 2.32 -6.89
C ALA A 279 6.54 1.87 -8.05
N MET A 280 5.82 0.77 -7.85
CA MET A 280 5.16 0.03 -8.96
C MET A 280 3.95 0.72 -9.53
N ASN A 281 3.06 1.26 -8.70
CA ASN A 281 1.82 1.80 -9.23
C ASN A 281 1.93 2.84 -10.33
N PRO A 282 2.81 3.87 -10.15
CA PRO A 282 2.94 4.88 -11.17
C PRO A 282 3.37 4.30 -12.48
N ILE A 283 4.25 3.31 -12.40
CA ILE A 283 4.76 2.61 -13.61
C ILE A 283 3.65 1.84 -14.30
N ILE A 284 2.85 1.10 -13.52
CA ILE A 284 1.62 0.43 -14.03
C ILE A 284 0.67 1.45 -14.67
N LEU A 285 0.44 2.59 -13.98
CA LEU A 285 -0.48 3.61 -14.50
C LEU A 285 0.02 4.21 -15.83
N CYS A 286 1.34 4.30 -16.01
CA CYS A 286 1.95 4.71 -17.29
C CYS A 286 1.40 3.99 -18.51
N ARG A 287 0.95 2.76 -18.36
CA ARG A 287 0.44 1.97 -19.48
C ARG A 287 -1.07 2.04 -19.67
N SER A 288 -1.83 2.69 -18.78
CA SER A 288 -3.21 3.07 -19.08
C SER A 288 -3.17 4.27 -20.00
N PRO A 289 -4.00 4.28 -21.07
CA PRO A 289 -3.93 5.32 -22.13
C PRO A 289 -4.14 6.77 -21.63
N ASP A 290 -5.18 7.01 -20.81
CA ASP A 290 -5.45 8.37 -20.31
C ASP A 290 -4.31 8.88 -19.42
N PHE A 291 -3.74 8.01 -18.56
CA PHE A 291 -2.61 8.42 -17.72
C PHE A 291 -1.34 8.70 -18.52
N ARG A 292 -1.04 7.82 -19.46
CA ARG A 292 0.13 7.97 -20.32
C ARG A 292 0.16 9.37 -21.00
N LYS A 293 -0.93 9.70 -21.69
CA LYS A 293 -1.08 11.00 -22.37
C LYS A 293 -0.69 12.12 -21.42
N ALA A 294 -1.35 12.12 -20.26
CA ALA A 294 -1.14 13.11 -19.22
C ALA A 294 0.30 13.14 -18.75
N PHE A 295 0.95 11.99 -18.56
CA PHE A 295 2.38 12.01 -18.18
C PHE A 295 3.26 12.62 -19.29
N LYS A 296 2.90 12.39 -20.55
CA LYS A 296 3.67 12.89 -21.70
C LYS A 296 3.62 14.40 -21.69
N ARG A 297 2.41 14.97 -21.69
CA ARG A 297 2.25 16.41 -21.48
C ARG A 297 3.09 16.94 -20.29
N LEU A 298 2.87 16.42 -19.07
CA LEU A 298 3.51 16.95 -17.84
C LEU A 298 5.03 16.99 -17.87
N LEU A 299 5.66 16.03 -18.54
CA LEU A 299 7.14 15.90 -18.51
C LEU A 299 7.91 16.58 -19.69
N ALA A 300 7.27 17.52 -20.40
CA ALA A 300 7.95 18.24 -21.50
C ALA A 300 8.33 17.32 -22.66
NA NA B . 0.82 1.48 -0.68
NA NA C . 14.87 0.07 21.05
O2 P32 D . 6.16 -2.73 6.45
C10 P32 D . 5.82 -3.55 7.61
N3 P32 D . 3.57 -8.12 14.10
C11 P32 D . 6.44 -3.03 8.87
N2 P32 D . 7.88 -2.83 8.68
C12 P32 D . 8.66 -2.82 9.99
C15 P32 D . 8.01 -2.00 11.11
C13 P32 D . 10.12 -2.27 9.81
C9 P32 D . 4.32 -3.47 7.85
O1 P32 D . 3.99 -4.48 8.69
C4 P32 D . 2.70 -4.48 9.21
C5 P32 D . 1.65 -3.81 8.66
C6 P32 D . 0.37 -3.85 9.22
C7 P32 D . 0.21 -4.64 10.38
C8 P32 D . 1.25 -5.28 10.91
C3 P32 D . 2.49 -5.20 10.34
N1 P32 D . 1.35 -6.03 12.02
C1 P32 D . 2.59 -6.48 12.08
C2 P32 D . 3.31 -5.97 11.06
C16 P32 D . 3.13 -7.36 13.15
C14 P32 D . 8.80 -4.28 10.54
N1 MHA E . 18.24 8.84 23.76
C1 MHA E . 17.26 8.03 24.54
C2 MHA E . 16.09 7.43 23.72
O1 MHA E . 15.32 6.68 24.33
O2 MHA E . 16.00 7.73 22.51
C3 MHA E . 18.89 8.11 22.71
C4 MHA E . 20.16 7.43 23.32
O3 MHA E . 20.92 6.88 22.50
O4 MHA E . 20.34 7.41 24.56
C5 MHA E . 17.63 10.09 23.21
C6 MHA E . 18.58 11.33 23.19
O5 MHA E . 18.17 12.40 22.72
N2 MHA E . 19.83 11.20 23.67
C18 OLC F . -8.71 -1.77 17.67
C10 OLC F . -4.36 -7.35 20.85
C9 OLC F . -3.74 -7.91 21.90
C17 OLC F . -7.44 -2.55 17.92
C11 OLC F . -3.64 -6.52 19.82
C8 OLC F . -2.27 -7.79 22.19
C16 OLC F . -7.20 -3.59 16.82
C12 OLC F . -4.69 -5.89 18.91
C7 OLC F . -2.03 -7.93 23.70
C15 OLC F . -5.74 -3.69 16.42
C13 OLC F . -4.09 -5.25 17.66
C6 OLC F . -1.87 -9.38 24.12
C14 OLC F . -5.15 -5.10 16.58
C5 OLC F . -0.56 -9.69 24.83
C4 OLC F . -0.50 -11.19 25.11
C3 OLC F . 0.91 -11.74 25.23
C2 OLC F . 1.34 -11.96 26.68
C1 OLC F . 2.71 -11.37 26.98
O19 OLC F . 3.28 -10.61 26.23
O20 OLC F . 3.38 -11.74 28.22
C18 OLC G . -1.59 -13.97 -8.16
C10 OLC G . -8.20 -10.01 -10.30
C9 OLC G . -8.11 -10.26 -11.61
C17 OLC G . -2.31 -12.67 -7.80
C11 OLC G . -7.05 -9.44 -9.49
C8 OLC G . -6.88 -10.01 -12.47
C24 OLC G . -5.57 -8.25 -23.82
C16 OLC G . -3.68 -12.94 -7.18
C12 OLC G . -7.31 -9.59 -7.99
C7 OLC G . -7.00 -8.67 -13.19
C15 OLC G . -4.38 -11.69 -6.64
C13 OLC G . -6.05 -9.87 -7.17
C6 OLC G . -6.55 -8.69 -14.65
C14 OLC G . -5.28 -11.06 -7.69
C5 OLC G . -7.60 -9.31 -15.56
C4 OLC G . -7.06 -9.33 -16.99
C3 OLC G . -8.05 -9.79 -18.05
C2 OLC G . -7.74 -9.06 -19.37
C21 OLC G . -5.64 -9.98 -21.98
C1 OLC G . -7.74 -9.98 -20.55
C22 OLC G . -6.46 -9.09 -22.91
O19 OLC G . -8.78 -10.21 -21.16
O25 OLC G . -6.27 -7.07 -24.25
O23 OLC G . -7.31 -9.94 -23.69
O20 OLC G . -6.47 -10.56 -20.97
C18 OLC H . -11.55 -6.06 -23.68
C10 OLC H . -11.14 -6.59 -15.98
C9 OLC H . -11.32 -7.35 -14.67
C17 OLC H . -10.05 -5.80 -23.59
C11 OLC H . -12.26 -7.00 -16.91
C8 OLC H . -11.32 -6.51 -13.41
C16 OLC H . -9.37 -6.54 -22.43
C12 OLC H . -12.09 -7.13 -18.23
C7 OLC H . -10.33 -7.12 -12.45
C15 OLC H . -9.82 -6.03 -21.07
C13 OLC H . -10.75 -6.88 -18.87
C6 OLC H . -10.41 -6.82 -10.96
C14 OLC H . -10.86 -6.93 -20.40
C5 OLC H . -11.51 -5.90 -10.46
C4 OLC H . -11.23 -4.45 -10.73
C3 OLC H . -11.67 -3.59 -9.58
C18 OLC I . 16.80 -3.75 -0.47
C10 OLC I . 20.92 -7.07 6.80
C9 OLC I . 20.52 -7.00 8.27
C17 OLC I . 17.52 -3.25 0.75
C11 OLC I . 19.84 -6.46 5.93
C8 OLC I . 21.07 -8.17 9.03
C16 OLC I . 17.95 -4.08 1.71
C12 OLC I . 20.19 -6.65 4.45
C15 OLC I . 17.77 -5.59 1.70
C13 OLC I . 18.94 -6.91 3.62
C14 OLC I . 19.05 -6.29 2.21
C18 OLC J . -22.88 -12.59 -5.92
C10 OLC J . -21.58 -6.04 -1.39
C9 OLC J . -21.91 -5.14 -0.47
C17 OLC J . -21.67 -12.41 -5.02
C11 OLC J . -20.30 -5.90 -2.18
C8 OLC J . -21.05 -3.95 -0.18
C16 OLC J . -21.33 -10.94 -4.91
C12 OLC J . -19.58 -7.25 -2.20
C7 OLC J . -21.58 -3.24 1.05
C15 OLC J . -20.45 -10.63 -3.70
C13 OLC J . -20.54 -8.38 -2.57
C6 OLC J . -22.61 -2.18 0.68
C14 OLC J . -19.99 -9.18 -3.73
C5 OLC J . -22.25 -0.81 1.25
C4 OLC J . -22.96 0.29 0.46
C3 OLC J . -22.37 1.67 0.67
C2 OLC J . -22.68 2.55 -0.53
C18 OLC K . -25.44 -13.22 -2.54
C10 OLC K . -18.26 -10.43 0.83
C9 OLC K . -17.91 -9.14 0.89
C17 OLC K . -24.87 -13.60 -1.18
C11 OLC K . -18.71 -11.20 2.05
C8 OLC K . -17.94 -8.38 2.18
C24 OLC K . -17.66 2.42 -1.83
C16 OLC K . -23.35 -13.78 -1.23
C12 OLC K . -19.59 -12.40 1.67
C7 OLC K . -18.45 -6.94 1.98
C15 OLC K . -22.66 -13.26 0.01
C13 OLC K . -20.44 -12.12 0.43
C6 OLC K . -18.08 -6.09 3.20
C14 OLC K . -21.14 -13.36 -0.11
C5 OLC K . -18.50 -4.63 3.06
C4 OLC K . -17.47 -3.68 3.67
C3 OLC K . -17.12 -2.50 2.75
C2 OLC K . -17.53 -1.16 3.34
C21 OLC K . -17.02 0.89 0.07
C1 OLC K . -17.38 0.01 2.39
C22 OLC K . -18.15 1.67 -0.59
O19 OLC K . -17.11 1.12 2.83
O25 OLC K . -18.80 2.95 -2.53
O23 OLC K . -19.17 0.77 -1.02
O20 OLC K . -17.54 -0.12 0.95
C10 OLC L . -16.38 0.15 -14.42
C9 OLC L . -17.69 0.41 -14.40
C11 OLC L . -15.36 0.83 -15.27
C8 OLC L . -18.38 1.50 -15.17
C12 OLC L . -14.93 2.20 -14.81
C7 OLC L . -19.81 1.59 -14.63
C13 OLC L . -13.66 2.20 -13.99
C6 OLC L . -20.49 2.94 -14.87
C14 OLC L . -13.04 3.57 -14.04
C5 OLC L . -20.92 3.64 -13.58
C4 OLC L . -20.32 5.05 -13.40
C3 OLC L . -18.79 5.08 -13.40
C2 OLC L . -18.21 5.60 -12.10
C21 OLC L . -16.71 8.91 -11.92
C1 OLC L . -16.92 6.40 -12.25
O19 OLC L . -15.79 5.96 -11.99
O20 OLC L . -17.05 7.78 -12.72
#